data_6DKE
#
_entry.id   6DKE
#
_cell.length_a   46.825
_cell.length_b   62.337
_cell.length_c   50.430
_cell.angle_alpha   90.00
_cell.angle_beta   95.94
_cell.angle_gamma   90.00
#
_symmetry.space_group_name_H-M   'P 1 21 1'
#
loop_
_entity.id
_entity.type
_entity.pdbx_description
1 polymer 'Fatty Acid Kinase (Fak) B1 protein'
2 non-polymer 'PALMITIC ACID'
3 water water
#
_entity_poly.entity_id   1
_entity_poly.type   'polypeptide(L)'
_entity_poly.pdbx_seq_one_letter_code
;MGSSHHHHHHSSGLVPRGSHMASMTGGQQMGRDPMKLAVFTDSSAYLSAETLQREDLFVLDIPVNIDGEEYVEGINLSAE
EFYQKMAQASELPKTSQPSIAKLDEILTSLKEQGYTHALGLFLSSGISGFYQSIQYMVDDYEGLTIAFPDTLITSAPLGI
MVESVFNWRDQGDDFASIQDKLAIQISRTSAFIMVDDLDHLVKGGRLSNGAAILGNLLSIKPILYFNDQGVIEVYEKVRT
EKKATKRLIEIIKETTASGQYRVIVIHGNAPEKAEELRQHLLDFGLGSDVSLATFGSVIGTHLGAGSIALGYIPVI
;
_entity_poly.pdbx_strand_id   A
#
# COMPACT_ATOMS: atom_id res chain seq x y z
N PRO A 34 6.69 -25.51 -16.92
CA PRO A 34 5.82 -25.90 -15.81
C PRO A 34 6.10 -25.09 -14.55
N MET A 35 5.84 -23.79 -14.61
CA MET A 35 6.05 -22.91 -13.47
C MET A 35 4.92 -23.09 -12.46
N LYS A 36 5.32 -23.32 -11.20
N LYS A 36 5.29 -23.32 -11.20
CA LYS A 36 4.42 -23.38 -10.03
CA LYS A 36 4.33 -23.35 -10.10
C LYS A 36 4.77 -22.13 -9.22
C LYS A 36 4.69 -22.19 -9.18
N LEU A 37 3.86 -21.13 -9.21
CA LEU A 37 4.21 -19.83 -8.66
C LEU A 37 3.50 -19.57 -7.34
N ALA A 38 4.27 -19.13 -6.34
CA ALA A 38 3.73 -18.61 -5.08
C ALA A 38 3.91 -17.09 -5.06
N VAL A 39 2.96 -16.38 -4.47
CA VAL A 39 3.00 -14.92 -4.38
C VAL A 39 2.91 -14.53 -2.92
N PHE A 40 3.85 -13.70 -2.47
CA PHE A 40 3.87 -13.17 -1.11
C PHE A 40 3.52 -11.68 -1.12
N THR A 41 2.85 -11.24 -0.07
CA THR A 41 2.71 -9.81 0.20
C THR A 41 2.60 -9.65 1.71
N ASP A 42 2.29 -8.45 2.17
CA ASP A 42 2.14 -8.21 3.60
C ASP A 42 0.79 -7.55 3.85
N SER A 43 0.41 -7.45 5.12
CA SER A 43 -0.93 -6.97 5.44
C SER A 43 -1.10 -5.47 5.26
N SER A 44 -0.07 -4.75 4.80
CA SER A 44 -0.31 -3.37 4.40
C SER A 44 -1.02 -3.28 3.06
N ALA A 45 -0.99 -4.36 2.28
CA ALA A 45 -1.75 -4.40 1.03
C ALA A 45 -3.24 -4.47 1.32
N TYR A 46 -4.03 -3.79 0.50
CA TYR A 46 -5.49 -3.89 0.58
C TYR A 46 -5.93 -4.90 -0.46
N LEU A 47 -6.42 -6.05 -0.02
CA LEU A 47 -6.66 -7.19 -0.90
C LEU A 47 -8.14 -7.42 -1.16
N SER A 48 -8.47 -7.73 -2.41
CA SER A 48 -9.84 -8.03 -2.80
C SER A 48 -10.24 -9.43 -2.32
N ALA A 49 -11.55 -9.67 -2.33
CA ALA A 49 -12.07 -10.97 -1.89
C ALA A 49 -11.59 -12.10 -2.80
N GLU A 50 -11.46 -11.83 -4.10
CA GLU A 50 -10.92 -12.83 -5.01
C GLU A 50 -9.49 -13.18 -4.64
N THR A 51 -8.67 -12.14 -4.42
CA THR A 51 -7.25 -12.37 -4.12
C THR A 51 -7.07 -13.11 -2.80
N LEU A 52 -7.87 -12.76 -1.79
CA LEU A 52 -7.70 -13.39 -0.48
C LEU A 52 -7.94 -14.90 -0.53
N GLN A 53 -8.72 -15.36 -1.51
CA GLN A 53 -9.01 -16.78 -1.60
C GLN A 53 -8.00 -17.56 -2.44
N ARG A 54 -7.04 -16.88 -3.06
CA ARG A 54 -6.08 -17.55 -3.92
C ARG A 54 -5.27 -18.57 -3.11
N GLU A 55 -5.14 -19.77 -3.66
CA GLU A 55 -4.48 -20.84 -2.93
C GLU A 55 -2.96 -20.68 -2.89
N ASP A 56 -2.41 -19.84 -3.75
CA ASP A 56 -0.96 -19.67 -3.82
C ASP A 56 -0.51 -18.32 -3.26
N LEU A 57 -1.34 -17.67 -2.44
CA LEU A 57 -1.02 -16.39 -1.83
C LEU A 57 -0.63 -16.58 -0.38
N PHE A 58 0.42 -15.88 0.05
CA PHE A 58 0.91 -15.92 1.42
C PHE A 58 1.06 -14.48 1.89
N VAL A 59 0.39 -14.14 2.99
CA VAL A 59 0.37 -12.76 3.49
C VAL A 59 1.10 -12.72 4.83
N LEU A 60 2.10 -11.85 4.94
CA LEU A 60 2.83 -11.67 6.19
C LEU A 60 2.14 -10.60 7.03
N ASP A 61 1.88 -10.91 8.30
CA ASP A 61 1.20 -9.95 9.16
C ASP A 61 2.16 -8.88 9.66
N ILE A 62 1.61 -7.67 9.85
CA ILE A 62 2.33 -6.55 10.41
C ILE A 62 1.72 -6.22 11.77
N PRO A 63 2.43 -6.42 12.87
CA PRO A 63 1.85 -6.14 14.18
C PRO A 63 1.83 -4.66 14.50
N VAL A 64 0.90 -4.29 15.38
CA VAL A 64 0.73 -2.92 15.84
C VAL A 64 0.76 -2.98 17.36
N ASN A 65 1.63 -2.16 17.96
CA ASN A 65 1.79 -2.09 19.40
C ASN A 65 1.14 -0.81 19.89
N ILE A 66 0.21 -0.93 20.83
CA ILE A 66 -0.50 0.22 21.39
C ILE A 66 -0.28 0.18 22.90
N ASP A 67 0.49 1.14 23.41
CA ASP A 67 0.75 1.26 24.85
C ASP A 67 1.28 -0.04 25.46
N GLY A 68 2.09 -0.76 24.68
CA GLY A 68 2.74 -1.97 25.15
C GLY A 68 2.04 -3.27 24.77
N GLU A 69 0.78 -3.21 24.35
CA GLU A 69 0.03 -4.40 23.97
C GLU A 69 0.17 -4.62 22.46
N GLU A 70 0.46 -5.86 22.06
CA GLU A 70 0.64 -6.17 20.65
C GLU A 70 -0.66 -6.68 20.06
N TYR A 71 -1.03 -6.13 18.91
CA TYR A 71 -2.23 -6.51 18.17
C TYR A 71 -1.84 -6.89 16.76
N VAL A 72 -2.61 -7.80 16.18
CA VAL A 72 -2.53 -8.12 14.76
C VAL A 72 -3.95 -8.07 14.20
N GLU A 73 -4.19 -7.14 13.30
CA GLU A 73 -5.52 -7.00 12.71
C GLU A 73 -5.96 -8.32 12.08
N GLY A 74 -7.19 -8.73 12.36
CA GLY A 74 -7.71 -9.99 11.89
C GLY A 74 -7.48 -11.16 12.81
N ILE A 75 -6.60 -11.02 13.79
CA ILE A 75 -6.43 -12.03 14.84
C ILE A 75 -7.07 -11.58 16.15
N ASN A 76 -6.68 -10.39 16.62
CA ASN A 76 -7.25 -9.87 17.87
C ASN A 76 -7.50 -8.37 17.78
N LEU A 77 -7.80 -7.87 16.58
CA LEU A 77 -8.06 -6.45 16.41
C LEU A 77 -8.79 -6.23 15.10
N SER A 78 -9.84 -5.40 15.13
CA SER A 78 -10.52 -4.96 13.91
C SER A 78 -10.13 -3.51 13.62
N ALA A 79 -10.39 -3.07 12.39
CA ALA A 79 -10.05 -1.71 12.00
C ALA A 79 -10.87 -0.70 12.79
N GLU A 80 -12.15 -0.98 13.01
CA GLU A 80 -12.98 -0.09 13.81
C GLU A 80 -12.45 0.01 15.23
N GLU A 81 -12.09 -1.13 15.83
CA GLU A 81 -11.51 -1.12 17.17
C GLU A 81 -10.21 -0.35 17.20
N PHE A 82 -9.41 -0.45 16.13
CA PHE A 82 -8.11 0.19 16.10
C PHE A 82 -8.23 1.71 16.25
N TYR A 83 -9.14 2.32 15.51
CA TYR A 83 -9.26 3.78 15.58
C TYR A 83 -9.74 4.22 16.95
N GLN A 84 -10.57 3.41 17.61
CA GLN A 84 -10.97 3.76 18.97
C GLN A 84 -9.80 3.62 19.95
N LYS A 85 -9.01 2.55 19.80
CA LYS A 85 -7.85 2.36 20.66
C LYS A 85 -6.81 3.46 20.45
N MET A 86 -6.57 3.84 19.19
CA MET A 86 -5.58 4.87 18.92
C MET A 86 -6.00 6.22 19.50
N ALA A 87 -7.30 6.54 19.41
CA ALA A 87 -7.77 7.80 19.97
C ALA A 87 -7.64 7.83 21.48
N GLN A 88 -7.73 6.67 22.12
CA GLN A 88 -7.64 6.56 23.58
C GLN A 88 -6.22 6.40 24.09
N ALA A 89 -5.30 5.98 23.23
CA ALA A 89 -3.96 5.59 23.68
C ALA A 89 -3.17 6.78 24.21
N SER A 90 -2.29 6.49 25.17
CA SER A 90 -1.44 7.54 25.73
C SER A 90 -0.35 7.97 24.76
N GLU A 91 0.19 7.03 23.98
CA GLU A 91 1.21 7.30 22.99
C GLU A 91 0.72 6.79 21.63
N LEU A 92 1.38 7.27 20.57
CA LEU A 92 1.04 6.81 19.23
C LEU A 92 1.33 5.32 19.08
N PRO A 93 0.51 4.58 18.35
CA PRO A 93 0.85 3.17 18.07
C PRO A 93 2.14 3.08 17.27
N LYS A 94 2.73 1.89 17.31
CA LYS A 94 3.99 1.64 16.58
C LYS A 94 3.83 0.35 15.78
N THR A 95 4.18 0.40 14.50
CA THR A 95 4.15 -0.81 13.67
C THR A 95 5.54 -1.43 13.68
N SER A 96 5.60 -2.74 13.47
CA SER A 96 6.85 -3.46 13.30
C SER A 96 6.90 -4.04 11.90
N GLN A 97 8.10 -4.34 11.42
CA GLN A 97 8.23 -4.96 10.12
C GLN A 97 7.58 -6.34 10.13
N PRO A 98 7.14 -6.83 8.96
CA PRO A 98 6.76 -8.25 8.86
C PRO A 98 7.96 -9.13 9.21
N SER A 99 7.67 -10.38 9.55
CA SER A 99 8.67 -11.28 10.13
C SER A 99 9.48 -11.94 9.02
N ILE A 100 10.79 -11.68 9.01
CA ILE A 100 11.69 -12.40 8.10
C ILE A 100 11.75 -13.88 8.47
N ALA A 101 11.66 -14.19 9.76
CA ALA A 101 11.67 -15.60 10.17
C ALA A 101 10.46 -16.34 9.63
N LYS A 102 9.29 -15.70 9.62
CA LYS A 102 8.09 -16.32 9.06
C LYS A 102 8.23 -16.51 7.56
N LEU A 103 8.78 -15.50 6.87
CA LEU A 103 8.99 -15.63 5.43
C LEU A 103 9.92 -16.79 5.11
N ASP A 104 11.00 -16.94 5.90
CA ASP A 104 11.89 -18.08 5.72
C ASP A 104 11.15 -19.39 5.96
N GLU A 105 10.30 -19.43 6.98
CA GLU A 105 9.57 -20.68 7.30
C GLU A 105 8.72 -21.10 6.09
N ILE A 106 8.09 -20.14 5.42
CA ILE A 106 7.23 -20.49 4.28
C ILE A 106 8.08 -20.86 3.07
N LEU A 107 9.11 -20.08 2.77
CA LEU A 107 9.96 -20.37 1.62
C LEU A 107 10.62 -21.75 1.75
N THR A 108 11.03 -22.12 2.97
CA THR A 108 11.68 -23.42 3.17
C THR A 108 10.76 -24.58 2.84
N SER A 109 9.45 -24.40 2.97
CA SER A 109 8.49 -25.46 2.67
C SER A 109 7.95 -25.41 1.24
N LEU A 110 8.27 -24.35 0.48
CA LEU A 110 7.65 -24.15 -0.83
C LEU A 110 8.06 -25.23 -1.83
N LYS A 111 9.34 -25.59 -1.86
CA LYS A 111 9.76 -26.65 -2.81
C LYS A 111 8.98 -27.93 -2.52
N GLU A 112 8.89 -28.31 -1.24
CA GLU A 112 8.17 -29.52 -0.84
C GLU A 112 6.67 -29.42 -1.11
N GLN A 113 6.14 -28.21 -1.25
CA GLN A 113 4.75 -28.02 -1.65
C GLN A 113 4.56 -28.08 -3.17
N GLY A 114 5.64 -28.21 -3.93
CA GLY A 114 5.55 -28.29 -5.37
C GLY A 114 5.81 -27.00 -6.14
N TYR A 115 6.32 -25.97 -5.48
CA TYR A 115 6.52 -24.68 -6.13
C TYR A 115 7.90 -24.58 -6.77
N THR A 116 7.96 -23.84 -7.89
CA THR A 116 9.21 -23.57 -8.58
C THR A 116 9.62 -22.10 -8.53
N HIS A 117 8.67 -21.18 -8.34
CA HIS A 117 8.91 -19.75 -8.43
C HIS A 117 8.19 -19.06 -7.28
N ALA A 118 8.75 -17.95 -6.83
CA ALA A 118 8.10 -17.13 -5.82
C ALA A 118 8.32 -15.66 -6.14
N LEU A 119 7.25 -14.87 -6.02
CA LEU A 119 7.29 -13.44 -6.25
C LEU A 119 6.83 -12.74 -4.99
N GLY A 120 7.65 -11.82 -4.48
CA GLY A 120 7.32 -11.12 -3.26
C GLY A 120 7.03 -9.66 -3.53
N LEU A 121 5.81 -9.22 -3.23
CA LEU A 121 5.33 -7.86 -3.50
C LEU A 121 5.05 -7.24 -2.13
N PHE A 122 6.03 -6.54 -1.59
CA PHE A 122 5.95 -6.02 -0.24
C PHE A 122 5.88 -4.50 -0.27
N LEU A 123 5.53 -3.92 0.87
CA LEU A 123 5.38 -2.47 0.95
C LEU A 123 6.69 -1.78 0.61
N SER A 124 6.56 -0.53 0.11
CA SER A 124 7.68 0.26 -0.40
C SER A 124 8.90 0.23 0.51
N SER A 125 10.08 0.05 -0.08
CA SER A 125 11.34 0.26 0.64
C SER A 125 11.44 1.67 1.23
N GLY A 126 10.62 2.61 0.74
CA GLY A 126 10.63 3.96 1.28
C GLY A 126 9.83 4.16 2.54
N ILE A 127 9.03 3.18 2.96
CA ILE A 127 8.23 3.30 4.17
C ILE A 127 8.50 2.18 5.17
N SER A 128 9.41 1.26 4.87
CA SER A 128 9.76 0.19 5.79
C SER A 128 11.10 -0.39 5.39
N GLY A 129 11.90 -0.77 6.39
CA GLY A 129 13.15 -1.44 6.11
C GLY A 129 13.04 -2.90 5.69
N PHE A 130 11.82 -3.43 5.62
CA PHE A 130 11.63 -4.85 5.32
C PHE A 130 12.24 -5.22 3.96
N TYR A 131 11.92 -4.45 2.92
CA TYR A 131 12.38 -4.79 1.58
C TYR A 131 13.88 -4.99 1.52
N GLN A 132 14.65 -4.06 2.07
CA GLN A 132 16.09 -4.19 1.99
C GLN A 132 16.60 -5.36 2.81
N SER A 133 15.95 -5.64 3.95
N SER A 133 15.96 -5.65 3.94
CA SER A 133 16.43 -6.68 4.85
CA SER A 133 16.46 -6.69 4.82
C SER A 133 16.25 -8.09 4.31
C SER A 133 16.39 -8.07 4.19
N ILE A 134 15.44 -8.28 3.26
CA ILE A 134 15.18 -9.63 2.76
C ILE A 134 15.92 -9.93 1.46
N GLN A 135 16.68 -8.97 0.92
CA GLN A 135 17.24 -9.14 -0.42
C GLN A 135 18.18 -10.33 -0.51
N TYR A 136 18.81 -10.73 0.62
CA TYR A 136 19.70 -11.88 0.60
C TYR A 136 18.99 -13.16 0.17
N MET A 137 17.68 -13.24 0.40
CA MET A 137 16.96 -14.51 0.26
C MET A 137 16.88 -15.02 -1.16
N VAL A 138 17.09 -14.17 -2.17
CA VAL A 138 16.70 -14.56 -3.53
C VAL A 138 17.48 -15.77 -3.99
N ASP A 139 18.67 -15.99 -3.46
CA ASP A 139 19.51 -17.15 -3.89
C ASP A 139 19.75 -18.10 -2.72
N ASP A 140 18.85 -18.17 -1.75
CA ASP A 140 19.08 -18.96 -0.55
C ASP A 140 18.27 -20.25 -0.51
N TYR A 141 17.47 -20.55 -1.54
CA TYR A 141 16.55 -21.69 -1.50
C TYR A 141 16.71 -22.50 -2.77
N GLU A 142 17.32 -23.68 -2.65
CA GLU A 142 17.59 -24.53 -3.81
C GLU A 142 16.30 -24.95 -4.50
N GLY A 143 16.29 -24.86 -5.82
CA GLY A 143 15.13 -25.24 -6.61
C GLY A 143 14.06 -24.18 -6.73
N LEU A 144 14.26 -23.02 -6.11
CA LEU A 144 13.27 -21.94 -6.12
C LEU A 144 13.85 -20.72 -6.81
N THR A 145 13.14 -20.20 -7.82
CA THR A 145 13.49 -18.94 -8.43
C THR A 145 12.66 -17.86 -7.76
N ILE A 146 13.34 -16.87 -7.15
CA ILE A 146 12.69 -15.88 -6.31
C ILE A 146 13.01 -14.48 -6.84
N ALA A 147 11.98 -13.63 -6.90
CA ALA A 147 12.18 -12.22 -7.22
C ALA A 147 11.40 -11.35 -6.24
N PHE A 148 12.03 -10.27 -5.78
CA PHE A 148 11.44 -9.30 -4.87
C PHE A 148 11.54 -7.93 -5.52
N PRO A 149 10.62 -7.59 -6.41
CA PRO A 149 10.63 -6.23 -6.98
C PRO A 149 10.19 -5.19 -5.95
N ASP A 150 10.85 -4.04 -5.95
CA ASP A 150 10.44 -2.94 -5.08
C ASP A 150 9.18 -2.33 -5.67
N THR A 151 8.05 -2.49 -4.97
CA THR A 151 6.77 -2.01 -5.48
C THR A 151 6.62 -0.50 -5.34
N LEU A 152 7.36 0.13 -4.44
CA LEU A 152 7.29 1.57 -4.19
C LEU A 152 5.90 2.03 -3.75
N ILE A 153 5.05 1.13 -3.25
CA ILE A 153 3.70 1.52 -2.87
C ILE A 153 3.21 0.64 -1.72
N THR A 154 1.94 0.74 -1.38
CA THR A 154 1.28 -0.06 -0.36
C THR A 154 -0.22 0.03 -0.63
N SER A 155 -1.02 -0.48 0.30
CA SER A 155 -2.50 -0.28 0.31
C SER A 155 -3.10 -0.84 -0.98
N ALA A 156 -4.11 -0.18 -1.56
CA ALA A 156 -4.88 -0.76 -2.65
C ALA A 156 -4.08 -0.97 -3.93
N PRO A 157 -3.24 -0.02 -4.37
CA PRO A 157 -2.38 -0.32 -5.53
C PRO A 157 -1.52 -1.55 -5.34
N LEU A 158 -0.98 -1.75 -4.13
CA LEU A 158 -0.19 -2.96 -3.88
C LEU A 158 -1.06 -4.20 -4.01
N GLY A 159 -2.28 -4.16 -3.46
CA GLY A 159 -3.18 -5.31 -3.60
C GLY A 159 -3.56 -5.56 -5.05
N ILE A 160 -3.65 -4.50 -5.85
CA ILE A 160 -3.97 -4.67 -7.28
C ILE A 160 -2.80 -5.31 -8.02
N MET A 161 -1.57 -4.97 -7.63
CA MET A 161 -0.40 -5.65 -8.19
C MET A 161 -0.47 -7.14 -7.91
N VAL A 162 -0.85 -7.52 -6.69
CA VAL A 162 -0.95 -8.93 -6.36
C VAL A 162 -2.01 -9.61 -7.20
N GLU A 163 -3.20 -9.00 -7.26
CA GLU A 163 -4.27 -9.56 -8.09
C GLU A 163 -3.83 -9.67 -9.55
N SER A 164 -3.13 -8.66 -10.06
CA SER A 164 -2.71 -8.67 -11.46
C SER A 164 -1.77 -9.82 -11.75
N VAL A 165 -0.85 -10.11 -10.82
CA VAL A 165 0.07 -11.23 -11.01
C VAL A 165 -0.69 -12.53 -11.22
N PHE A 166 -1.73 -12.77 -10.41
CA PHE A 166 -2.50 -14.00 -10.55
C PHE A 166 -3.28 -14.00 -11.87
N ASN A 167 -3.83 -12.84 -12.26
CA ASN A 167 -4.57 -12.78 -13.51
C ASN A 167 -3.65 -13.03 -14.71
N TRP A 168 -2.45 -12.43 -14.70
CA TRP A 168 -1.50 -12.70 -15.78
C TRP A 168 -1.07 -14.16 -15.81
N ARG A 169 -0.87 -14.77 -14.64
CA ARG A 169 -0.56 -16.20 -14.62
C ARG A 169 -1.70 -17.01 -15.20
N ASP A 170 -2.94 -16.67 -14.84
CA ASP A 170 -4.09 -17.37 -15.39
C ASP A 170 -4.21 -17.16 -16.89
N GLN A 171 -3.75 -16.01 -17.40
CA GLN A 171 -3.74 -15.75 -18.84
C GLN A 171 -2.62 -16.47 -19.57
N GLY A 172 -1.72 -17.13 -18.86
CA GLY A 172 -0.64 -17.88 -19.48
C GLY A 172 0.71 -17.20 -19.56
N ASP A 173 0.90 -16.05 -18.90
CA ASP A 173 2.17 -15.35 -18.97
C ASP A 173 3.26 -16.14 -18.25
N ASP A 174 4.47 -16.13 -18.82
CA ASP A 174 5.58 -16.76 -18.11
C ASP A 174 6.14 -15.81 -17.04
N PHE A 175 7.10 -16.32 -16.26
CA PHE A 175 7.62 -15.56 -15.12
C PHE A 175 8.25 -14.24 -15.57
N ALA A 176 9.07 -14.27 -16.63
CA ALA A 176 9.71 -13.05 -17.10
C ALA A 176 8.68 -12.03 -17.56
N SER A 177 7.60 -12.49 -18.20
CA SER A 177 6.55 -11.58 -18.66
C SER A 177 5.82 -10.95 -17.49
N ILE A 178 5.50 -11.73 -16.46
CA ILE A 178 4.87 -11.17 -15.26
C ILE A 178 5.77 -10.11 -14.63
N GLN A 179 7.08 -10.39 -14.54
CA GLN A 179 8.00 -9.41 -13.97
C GLN A 179 7.99 -8.13 -14.78
N ASP A 180 7.95 -8.24 -16.11
CA ASP A 180 7.96 -7.04 -16.95
C ASP A 180 6.67 -6.24 -16.77
N LYS A 181 5.53 -6.94 -16.69
CA LYS A 181 4.26 -6.22 -16.54
C LYS A 181 4.17 -5.56 -15.17
N LEU A 182 4.72 -6.22 -14.15
CA LEU A 182 4.81 -5.57 -12.84
C LEU A 182 5.66 -4.31 -12.90
N ALA A 183 6.79 -4.37 -13.61
CA ALA A 183 7.65 -3.21 -13.73
C ALA A 183 6.92 -2.04 -14.38
N ILE A 184 6.10 -2.32 -15.40
CA ILE A 184 5.30 -1.28 -16.03
C ILE A 184 4.33 -0.67 -15.02
N GLN A 185 3.61 -1.52 -14.28
CA GLN A 185 2.70 -1.01 -13.26
C GLN A 185 3.43 -0.16 -12.23
N ILE A 186 4.54 -0.68 -11.71
CA ILE A 186 5.30 0.04 -10.67
C ILE A 186 5.72 1.42 -11.17
N SER A 187 6.15 1.50 -12.44
CA SER A 187 6.65 2.77 -12.97
C SER A 187 5.57 3.84 -13.11
N ARG A 188 4.29 3.45 -13.19
CA ARG A 188 3.21 4.39 -13.44
C ARG A 188 2.19 4.39 -12.31
N THR A 189 2.57 3.94 -11.12
CA THR A 189 1.70 3.91 -9.95
C THR A 189 2.18 4.95 -8.95
N SER A 190 1.24 5.60 -8.27
CA SER A 190 1.56 6.46 -7.14
C SER A 190 0.28 6.73 -6.36
N ALA A 191 0.34 7.67 -5.42
CA ALA A 191 -0.83 8.08 -4.67
C ALA A 191 -0.64 9.48 -4.14
N PHE A 192 -1.75 10.19 -3.96
CA PHE A 192 -1.75 11.54 -3.40
C PHE A 192 -2.63 11.54 -2.15
N ILE A 193 -2.11 12.12 -1.08
CA ILE A 193 -2.60 11.89 0.28
C ILE A 193 -2.87 13.22 0.97
N MET A 194 -3.90 13.20 1.82
CA MET A 194 -4.27 14.36 2.68
C MET A 194 -4.57 13.80 4.08
N VAL A 195 -4.07 14.44 5.13
CA VAL A 195 -4.29 13.96 6.48
C VAL A 195 -4.85 15.08 7.34
N ASP A 196 -5.50 14.68 8.44
CA ASP A 196 -6.02 15.65 9.40
C ASP A 196 -4.96 16.07 10.41
N ASP A 197 -4.05 15.17 10.78
CA ASP A 197 -3.03 15.44 11.79
C ASP A 197 -1.70 14.91 11.26
N LEU A 198 -0.76 15.82 10.96
CA LEU A 198 0.55 15.42 10.47
C LEU A 198 1.43 14.79 11.54
N ASP A 199 0.97 14.72 12.78
CA ASP A 199 1.77 14.16 13.85
C ASP A 199 2.11 12.70 13.58
N HIS A 200 1.14 11.94 13.09
CA HIS A 200 1.37 10.51 12.82
C HIS A 200 2.46 10.33 11.77
N LEU A 201 2.40 11.12 10.70
CA LEU A 201 3.40 11.00 9.64
C LEU A 201 4.77 11.50 10.08
N VAL A 202 4.82 12.53 10.91
CA VAL A 202 6.11 13.06 11.33
C VAL A 202 6.70 12.20 12.44
N LYS A 203 5.93 11.98 13.51
CA LYS A 203 6.46 11.19 14.64
C LYS A 203 6.69 9.74 14.25
N GLY A 204 5.85 9.19 13.36
CA GLY A 204 6.09 7.84 12.86
C GLY A 204 7.26 7.74 11.90
N GLY A 205 7.77 8.87 11.39
CA GLY A 205 9.02 8.90 10.66
C GLY A 205 8.93 8.74 9.16
N ARG A 206 7.73 8.59 8.59
CA ARG A 206 7.63 8.27 7.17
C ARG A 206 7.58 9.49 6.26
N LEU A 207 7.19 10.67 6.75
CA LEU A 207 7.20 11.85 5.89
C LEU A 207 8.63 12.37 5.74
N SER A 208 9.11 12.44 4.50
CA SER A 208 10.46 12.92 4.25
C SER A 208 10.67 14.31 4.85
N ASN A 209 11.72 14.44 5.65
CA ASN A 209 12.08 15.71 6.30
C ASN A 209 10.99 16.21 7.24
N GLY A 210 10.14 15.30 7.73
CA GLY A 210 8.93 15.73 8.42
C GLY A 210 9.18 16.62 9.63
N ALA A 211 10.12 16.20 10.49
CA ALA A 211 10.39 17.00 11.69
C ALA A 211 10.91 18.38 11.33
N ALA A 212 11.72 18.48 10.28
CA ALA A 212 12.35 19.74 9.92
C ALA A 212 11.37 20.72 9.26
N ILE A 213 10.31 20.21 8.62
CA ILE A 213 9.39 21.05 7.86
C ILE A 213 8.05 21.22 8.52
N LEU A 214 7.77 20.52 9.63
CA LEU A 214 6.42 20.49 10.18
C LEU A 214 5.92 21.88 10.52
N GLY A 215 6.80 22.75 11.02
CA GLY A 215 6.38 24.08 11.44
C GLY A 215 5.68 24.86 10.35
N ASN A 216 6.12 24.69 9.10
CA ASN A 216 5.54 25.43 7.98
C ASN A 216 4.28 24.78 7.40
N LEU A 217 3.95 23.56 7.81
CA LEU A 217 2.79 22.86 7.26
C LEU A 217 1.55 23.00 8.11
N LEU A 218 1.63 23.63 9.29
CA LEU A 218 0.51 23.64 10.22
C LEU A 218 -0.60 24.59 9.76
N SER A 219 -0.27 25.61 8.97
CA SER A 219 -1.26 26.60 8.57
C SER A 219 -1.91 26.29 7.23
N ILE A 220 -1.54 25.19 6.58
CA ILE A 220 -2.05 24.86 5.26
C ILE A 220 -2.45 23.39 5.25
N LYS A 221 -2.97 22.94 4.10
CA LYS A 221 -3.34 21.55 3.87
C LYS A 221 -2.39 20.99 2.82
N PRO A 222 -1.30 20.34 3.21
CA PRO A 222 -0.37 19.80 2.22
C PRO A 222 -0.96 18.55 1.57
N ILE A 223 -0.68 18.40 0.28
CA ILE A 223 -0.93 17.16 -0.45
C ILE A 223 0.39 16.39 -0.51
N LEU A 224 0.42 15.19 0.05
CA LEU A 224 1.59 14.35 0.01
C LEU A 224 1.49 13.36 -1.15
N TYR A 225 2.62 12.79 -1.52
CA TYR A 225 2.62 11.78 -2.57
C TYR A 225 3.77 10.82 -2.39
N PHE A 226 3.71 9.70 -3.11
CA PHE A 226 4.80 8.74 -3.20
C PHE A 226 5.68 9.13 -4.38
N ASN A 227 6.93 9.53 -4.09
CA ASN A 227 7.82 9.97 -5.16
C ASN A 227 8.36 8.76 -5.90
N ASP A 228 9.29 9.00 -6.83
CA ASP A 228 9.79 7.92 -7.68
C ASP A 228 10.69 6.95 -6.94
N GLN A 229 11.07 7.25 -5.69
CA GLN A 229 11.78 6.31 -4.84
C GLN A 229 10.86 5.61 -3.83
N GLY A 230 9.55 5.77 -3.97
CA GLY A 230 8.63 5.15 -3.03
C GLY A 230 8.60 5.79 -1.67
N VAL A 231 9.01 7.06 -1.57
CA VAL A 231 9.09 7.78 -0.31
C VAL A 231 7.98 8.82 -0.26
N ILE A 232 7.36 8.97 0.91
CA ILE A 232 6.28 9.94 1.07
C ILE A 232 6.89 11.32 1.25
N GLU A 233 6.46 12.27 0.43
CA GLU A 233 7.01 13.61 0.47
C GLU A 233 5.91 14.61 0.11
N VAL A 234 6.09 15.86 0.54
CA VAL A 234 5.14 16.91 0.20
C VAL A 234 5.12 17.10 -1.32
N TYR A 235 3.93 17.02 -1.90
CA TYR A 235 3.80 17.30 -3.33
C TYR A 235 3.49 18.77 -3.58
N GLU A 236 2.52 19.30 -2.83
CA GLU A 236 2.04 20.66 -3.04
C GLU A 236 1.44 21.17 -1.74
N LYS A 237 1.71 22.43 -1.42
CA LYS A 237 1.08 23.10 -0.30
C LYS A 237 -0.15 23.86 -0.79
N VAL A 238 -1.29 23.62 -0.14
CA VAL A 238 -2.57 24.21 -0.54
C VAL A 238 -3.20 24.86 0.68
N ARG A 239 -3.72 26.08 0.51
CA ARG A 239 -4.11 26.89 1.66
C ARG A 239 -5.34 26.35 2.36
N THR A 240 -6.31 25.80 1.62
CA THR A 240 -7.54 25.31 2.22
C THR A 240 -7.81 23.86 1.82
N GLU A 241 -8.57 23.17 2.67
CA GLU A 241 -8.96 21.79 2.38
C GLU A 241 -9.83 21.71 1.14
N LYS A 242 -10.68 22.71 0.91
CA LYS A 242 -11.55 22.69 -0.25
C LYS A 242 -10.74 22.85 -1.54
N LYS A 243 -9.76 23.75 -1.54
CA LYS A 243 -8.89 23.88 -2.70
C LYS A 243 -8.00 22.66 -2.89
N ALA A 244 -7.57 22.04 -1.79
CA ALA A 244 -6.77 20.83 -1.89
C ALA A 244 -7.57 19.71 -2.51
N THR A 245 -8.85 19.60 -2.16
CA THR A 245 -9.71 18.56 -2.75
C THR A 245 -9.83 18.76 -4.25
N LYS A 246 -10.02 20.00 -4.70
CA LYS A 246 -10.06 20.26 -6.13
C LYS A 246 -8.74 19.90 -6.81
N ARG A 247 -7.62 20.17 -6.12
CA ARG A 247 -6.32 19.86 -6.71
C ARG A 247 -6.12 18.35 -6.86
N LEU A 248 -6.58 17.57 -5.87
CA LEU A 248 -6.49 16.12 -5.96
C LEU A 248 -7.16 15.62 -7.24
N ILE A 249 -8.35 16.13 -7.55
CA ILE A 249 -9.06 15.71 -8.75
C ILE A 249 -8.29 16.12 -10.00
N GLU A 250 -7.78 17.37 -10.03
CA GLU A 250 -7.04 17.82 -11.20
C GLU A 250 -5.78 17.01 -11.41
N ILE A 251 -5.10 16.64 -10.32
CA ILE A 251 -3.88 15.86 -10.43
C ILE A 251 -4.19 14.48 -11.01
N ILE A 252 -5.21 13.81 -10.48
CA ILE A 252 -5.56 12.48 -10.95
C ILE A 252 -6.01 12.51 -12.41
N LYS A 253 -6.70 13.58 -12.82
CA LYS A 253 -7.12 13.72 -14.21
C LYS A 253 -5.91 13.75 -15.14
N GLU A 254 -4.85 14.45 -14.75
CA GLU A 254 -3.69 14.57 -15.64
C GLU A 254 -2.81 13.33 -15.60
N THR A 255 -2.66 12.69 -14.44
CA THR A 255 -1.76 11.54 -14.38
C THR A 255 -2.34 10.29 -15.03
N THR A 256 -3.66 10.20 -15.20
CA THR A 256 -4.29 9.03 -15.79
C THR A 256 -4.83 9.29 -17.19
N ALA A 257 -4.54 10.46 -17.76
CA ALA A 257 -5.15 10.84 -19.03
C ALA A 257 -4.62 10.04 -20.22
N SER A 258 -3.43 9.46 -20.11
CA SER A 258 -2.76 8.86 -21.26
C SER A 258 -2.99 7.36 -21.39
N GLY A 259 -3.78 6.75 -20.52
CA GLY A 259 -4.01 5.32 -20.63
C GLY A 259 -5.13 4.82 -19.73
N GLN A 260 -5.16 3.50 -19.55
CA GLN A 260 -6.17 2.83 -18.73
C GLN A 260 -5.64 2.68 -17.30
N TYR A 261 -6.28 3.35 -16.35
CA TYR A 261 -5.86 3.33 -14.95
C TYR A 261 -7.04 2.97 -14.05
N ARG A 262 -6.73 2.25 -12.98
CA ARG A 262 -7.63 2.14 -11.84
C ARG A 262 -7.32 3.25 -10.86
N VAL A 263 -8.35 3.94 -10.39
CA VAL A 263 -8.22 4.96 -9.35
C VAL A 263 -8.97 4.46 -8.12
N ILE A 264 -8.35 4.56 -6.96
CA ILE A 264 -8.96 4.09 -5.72
C ILE A 264 -8.99 5.22 -4.72
N VAL A 265 -10.19 5.51 -4.21
CA VAL A 265 -10.38 6.44 -3.11
C VAL A 265 -10.23 5.65 -1.82
N ILE A 266 -9.24 6.00 -0.99
CA ILE A 266 -8.90 5.26 0.22
C ILE A 266 -9.00 6.20 1.40
N HIS A 267 -9.66 5.75 2.48
CA HIS A 267 -9.87 6.64 3.62
C HIS A 267 -9.63 5.91 4.93
N GLY A 268 -9.17 6.68 5.92
CA GLY A 268 -9.03 6.20 7.28
C GLY A 268 -9.99 6.94 8.19
N ASN A 269 -11.15 6.32 8.46
CA ASN A 269 -12.20 6.96 9.26
C ASN A 269 -12.61 8.30 8.67
N ALA A 270 -12.90 8.30 7.37
CA ALA A 270 -13.38 9.50 6.69
C ALA A 270 -14.34 9.10 5.57
N PRO A 271 -15.40 8.36 5.87
CA PRO A 271 -16.20 7.77 4.78
C PRO A 271 -17.02 8.77 3.99
N GLU A 272 -17.36 9.90 4.62
N GLU A 272 -17.37 9.89 4.63
CA GLU A 272 -18.17 10.95 3.95
CA GLU A 272 -18.16 10.96 3.97
C GLU A 272 -17.30 11.64 2.89
C GLU A 272 -17.29 11.60 2.88
N LYS A 273 -16.08 12.03 3.26
CA LYS A 273 -15.17 12.65 2.32
C LYS A 273 -14.81 11.70 1.19
N ALA A 274 -14.66 10.42 1.49
CA ALA A 274 -14.36 9.43 0.46
C ALA A 274 -15.50 9.33 -0.55
N GLU A 275 -16.74 9.27 -0.07
CA GLU A 275 -17.88 9.19 -0.98
C GLU A 275 -17.98 10.44 -1.84
N GLU A 276 -17.71 11.61 -1.28
CA GLU A 276 -17.74 12.84 -2.06
C GLU A 276 -16.67 12.82 -3.15
N LEU A 277 -15.46 12.36 -2.82
CA LEU A 277 -14.39 12.30 -3.81
C LEU A 277 -14.71 11.28 -4.89
N ARG A 278 -15.22 10.10 -4.51
CA ARG A 278 -15.62 9.10 -5.48
C ARG A 278 -16.64 9.64 -6.45
N GLN A 279 -17.68 10.31 -5.93
CA GLN A 279 -18.72 10.88 -6.78
C GLN A 279 -18.13 11.93 -7.73
N HIS A 280 -17.14 12.70 -7.27
CA HIS A 280 -16.54 13.71 -8.14
C HIS A 280 -15.82 13.06 -9.31
N LEU A 281 -15.09 11.97 -9.05
CA LEU A 281 -14.41 11.26 -10.13
C LEU A 281 -15.41 10.70 -11.14
N LEU A 282 -16.56 10.25 -10.65
CA LEU A 282 -17.57 9.70 -11.55
C LEU A 282 -18.24 10.79 -12.36
N ASP A 283 -18.50 11.95 -11.75
CA ASP A 283 -19.13 13.05 -12.44
C ASP A 283 -18.31 13.51 -13.64
N PHE A 284 -16.98 13.36 -13.57
CA PHE A 284 -16.09 13.84 -14.62
C PHE A 284 -15.49 12.71 -15.45
N GLY A 285 -15.90 11.47 -15.19
CA GLY A 285 -15.43 10.35 -16.00
C GLY A 285 -13.95 10.08 -15.91
N LEU A 286 -13.35 10.29 -14.74
CA LEU A 286 -11.90 10.12 -14.58
C LEU A 286 -11.57 8.68 -14.21
N GLY A 287 -10.47 8.18 -14.78
CA GLY A 287 -10.08 6.79 -14.60
C GLY A 287 -10.96 5.83 -15.36
N SER A 288 -10.43 4.63 -15.63
N SER A 288 -10.44 4.63 -15.64
CA SER A 288 -11.20 3.57 -16.25
CA SER A 288 -11.24 3.58 -16.26
C SER A 288 -11.90 2.68 -15.23
C SER A 288 -11.91 2.68 -15.23
N ASP A 289 -11.60 2.88 -13.95
CA ASP A 289 -12.12 2.04 -12.88
C ASP A 289 -12.02 2.90 -11.63
N VAL A 290 -13.13 3.13 -10.93
CA VAL A 290 -13.14 3.86 -9.68
C VAL A 290 -13.68 2.96 -8.58
N SER A 291 -12.95 2.86 -7.47
CA SER A 291 -13.34 1.99 -6.37
C SER A 291 -12.98 2.65 -5.05
N LEU A 292 -13.42 2.01 -3.96
CA LEU A 292 -13.22 2.50 -2.60
C LEU A 292 -12.42 1.48 -1.80
N ALA A 293 -11.59 1.98 -0.89
CA ALA A 293 -10.85 1.12 0.03
C ALA A 293 -10.65 1.89 1.34
N THR A 294 -10.07 1.21 2.34
CA THR A 294 -9.89 1.80 3.65
C THR A 294 -8.48 1.55 4.19
N PHE A 295 -8.06 2.41 5.10
CA PHE A 295 -6.83 2.24 5.87
C PHE A 295 -7.17 1.61 7.22
N GLY A 296 -6.46 0.54 7.58
CA GLY A 296 -6.63 -0.10 8.86
C GLY A 296 -5.55 0.27 9.86
N SER A 297 -5.21 -0.69 10.72
CA SER A 297 -4.27 -0.45 11.81
C SER A 297 -2.88 -0.12 11.29
N VAL A 298 -2.44 -0.81 10.23
CA VAL A 298 -1.06 -0.67 9.77
C VAL A 298 -0.83 0.73 9.22
N ILE A 299 -1.66 1.18 8.29
CA ILE A 299 -1.43 2.49 7.69
C ILE A 299 -2.06 3.59 8.54
N GLY A 300 -3.18 3.31 9.20
CA GLY A 300 -3.79 4.31 10.08
C GLY A 300 -2.88 4.74 11.21
N THR A 301 -1.99 3.84 11.65
CA THR A 301 -0.99 4.24 12.64
C THR A 301 -0.17 5.42 12.15
N HIS A 302 0.14 5.43 10.85
CA HIS A 302 1.06 6.42 10.28
C HIS A 302 0.37 7.62 9.67
N LEU A 303 -0.89 7.49 9.23
CA LEU A 303 -1.62 8.62 8.69
C LEU A 303 -2.52 9.29 9.72
N GLY A 304 -3.03 8.53 10.70
CA GLY A 304 -4.00 9.06 11.64
C GLY A 304 -5.42 9.02 11.09
N ALA A 305 -6.38 9.20 11.98
CA ALA A 305 -7.77 9.26 11.56
C ALA A 305 -8.02 10.50 10.71
N GLY A 306 -9.05 10.41 9.87
CA GLY A 306 -9.40 11.52 8.99
C GLY A 306 -8.55 11.64 7.75
N SER A 307 -7.91 10.55 7.32
CA SER A 307 -6.98 10.57 6.20
C SER A 307 -7.69 10.15 4.91
N ILE A 308 -7.19 10.64 3.80
CA ILE A 308 -7.77 10.35 2.50
C ILE A 308 -6.65 10.29 1.47
N ALA A 309 -6.78 9.39 0.49
CA ALA A 309 -5.80 9.30 -0.57
C ALA A 309 -6.47 8.87 -1.86
N LEU A 310 -5.90 9.31 -2.98
CA LEU A 310 -6.24 8.79 -4.31
C LEU A 310 -5.02 8.03 -4.81
N GLY A 311 -5.14 6.71 -4.92
CA GLY A 311 -4.12 5.89 -5.53
C GLY A 311 -4.49 5.61 -6.98
N TYR A 312 -3.47 5.33 -7.79
CA TYR A 312 -3.75 4.98 -9.19
C TYR A 312 -2.69 4.02 -9.68
N ILE A 313 -3.11 3.15 -10.59
CA ILE A 313 -2.22 2.09 -11.12
C ILE A 313 -2.77 1.65 -12.48
N PRO A 314 -1.91 1.40 -13.48
CA PRO A 314 -2.39 0.93 -14.79
C PRO A 314 -3.10 -0.42 -14.69
N VAL A 315 -4.07 -0.63 -15.60
CA VAL A 315 -4.84 -1.87 -15.58
C VAL A 315 -4.01 -3.04 -16.09
N ILE A 316 -3.34 -2.86 -17.22
CA ILE A 316 -2.58 -3.91 -17.90
C ILE A 316 -3.51 -5.09 -18.23
#